data_4B17
#
_entry.id   4B17
#
_cell.length_a   92.260
_cell.length_b   92.260
_cell.length_c   83.560
_cell.angle_alpha   90.00
_cell.angle_beta   90.00
_cell.angle_gamma   120.00
#
_symmetry.space_group_name_H-M   'P 31 2 1'
#
loop_
_entity.id
_entity.type
_entity.pdbx_description
1 polymer 'RIBOSOMAL RNA LARGE SUBUNIT METHYLTRANSFERASE M'
2 non-polymer S-ADENOSYLMETHIONINE
3 non-polymer GLYCEROL
4 non-polymer 1,2-ETHANEDIOL
5 non-polymer 'SULFATE ION'
6 water water
#
_entity_poly.entity_id   1
_entity_poly.type   'polypeptide(L)'
_entity_poly.pdbx_seq_one_letter_code
;MNKVVLLCRPGFEKECAAEITDKAGQREIFGFARVKENAGYVIYECYQPDDGDKLIRELPFSSLIFARQWFVVGELLQHL
PPEDRITPIVGMLQGVVEKGGELRVEVADTNESKELLKFCRKFTVPLRAALRDAGVLANYETPKRPVVHVFFIAPG
(CSS)CYTGYSYSNNNSPFYMGIPRLKFPADAPSRSTLKLEEAFHVFIPADEWDERLANGMWAVDLGACPGGWTYQLVKR
NMWVYSVDNGPMAQSLMDTGQVTWLREDGFKFRPTRSNISWMVCDMVEKPAKVAALMAQWLVNGWCRETIFNLKLPMKKR
YEEVSHNLAYIQAQLDEHGINAQIQARQLYHDREEVTVHVRRIWAAVGGRRDERSKGHHHHHH
;
_entity_poly.pdbx_strand_id   A
#
# COMPACT_ATOMS: atom_id res chain seq x y z
N MET A 1 6.22 -24.02 6.47
CA MET A 1 5.30 -23.50 5.47
C MET A 1 6.07 -22.76 4.38
N ASN A 2 5.81 -23.12 3.13
CA ASN A 2 6.61 -22.62 2.02
C ASN A 2 5.85 -21.68 1.13
N LYS A 3 4.53 -21.60 1.34
CA LYS A 3 3.70 -20.76 0.47
C LYS A 3 3.39 -19.38 1.08
N VAL A 4 3.62 -18.35 0.28
CA VAL A 4 3.31 -16.98 0.68
C VAL A 4 2.30 -16.42 -0.30
N VAL A 5 1.17 -15.95 0.21
CA VAL A 5 0.12 -15.37 -0.63
C VAL A 5 0.34 -13.87 -0.72
N LEU A 6 0.25 -13.31 -1.92
CA LEU A 6 0.33 -11.87 -2.05
C LEU A 6 -0.93 -11.38 -2.72
N LEU A 7 -1.60 -10.42 -2.10
CA LEU A 7 -2.80 -9.85 -2.67
C LEU A 7 -2.38 -8.74 -3.61
N CYS A 8 -3.05 -8.64 -4.76
CA CYS A 8 -2.68 -7.61 -5.71
C CYS A 8 -3.91 -7.16 -6.46
N ARG A 9 -3.75 -6.09 -7.25
CA ARG A 9 -4.78 -5.66 -8.17
C ARG A 9 -4.98 -6.75 -9.21
N PRO A 10 -6.24 -7.11 -9.47
CA PRO A 10 -6.55 -8.08 -10.54
C PRO A 10 -5.93 -7.63 -11.87
N GLY A 11 -5.29 -8.54 -12.60
CA GLY A 11 -4.62 -8.16 -13.84
C GLY A 11 -3.20 -7.63 -13.68
N PHE A 12 -2.65 -7.74 -12.48
CA PHE A 12 -1.26 -7.33 -12.24
C PHE A 12 -0.47 -8.44 -11.58
N GLU A 13 -1.02 -9.65 -11.67
CA GLU A 13 -0.40 -10.84 -11.12
C GLU A 13 1.01 -11.09 -11.70
N LYS A 14 1.19 -10.78 -12.98
CA LYS A 14 2.50 -11.00 -13.59
C LYS A 14 3.57 -10.08 -12.97
N GLU A 15 3.23 -8.81 -12.74
CA GLU A 15 4.17 -7.89 -12.09
C GLU A 15 4.42 -8.30 -10.65
N CYS A 16 3.34 -8.59 -9.94
CA CYS A 16 3.43 -9.00 -8.56
C CYS A 16 4.32 -10.25 -8.46
N ALA A 17 4.09 -11.20 -9.35
CA ALA A 17 4.92 -12.41 -9.43
C ALA A 17 6.37 -12.14 -9.85
N ALA A 18 6.59 -11.28 -10.85
CA ALA A 18 7.96 -10.93 -11.26
C ALA A 18 8.72 -10.32 -10.10
N GLU A 19 8.07 -9.40 -9.39
CA GLU A 19 8.70 -8.68 -8.29
C GLU A 19 9.12 -9.61 -7.14
N ILE A 20 8.20 -10.42 -6.65
CA ILE A 20 8.50 -11.26 -5.51
C ILE A 20 9.55 -12.34 -5.82
N THR A 21 9.50 -12.90 -7.02
CA THR A 21 10.52 -13.83 -7.48
C THR A 21 11.88 -13.15 -7.50
N ASP A 22 11.93 -11.94 -8.08
CA ASP A 22 13.14 -11.12 -8.08
C ASP A 22 13.68 -10.79 -6.69
N LYS A 23 12.82 -10.33 -5.79
CA LYS A 23 13.30 -9.83 -4.50
C LYS A 23 13.55 -10.93 -3.48
N ALA A 24 12.88 -12.07 -3.65
CA ALA A 24 13.13 -13.22 -2.79
C ALA A 24 14.37 -13.93 -3.29
N GLY A 25 14.51 -13.98 -4.61
CA GLY A 25 15.70 -14.49 -5.27
C GLY A 25 16.96 -13.80 -4.80
N GLN A 26 16.92 -12.47 -4.74
CA GLN A 26 18.02 -11.68 -4.20
C GLN A 26 18.50 -12.12 -2.79
N ARG A 27 17.63 -12.77 -2.02
CA ARG A 27 18.01 -13.23 -0.68
C ARG A 27 18.24 -14.74 -0.66
N GLU A 28 18.38 -15.32 -1.84
CA GLU A 28 18.53 -16.78 -1.97
C GLU A 28 17.36 -17.52 -1.34
N ILE A 29 16.19 -16.91 -1.40
CA ILE A 29 14.96 -17.60 -1.01
C ILE A 29 14.25 -17.94 -2.31
N PHE A 30 14.65 -19.06 -2.90
CA PHE A 30 14.20 -19.45 -4.23
C PHE A 30 12.87 -20.18 -4.22
N GLY A 31 12.20 -20.14 -5.36
CA GLY A 31 10.90 -20.75 -5.52
C GLY A 31 10.31 -20.20 -6.80
N PHE A 32 9.02 -20.42 -6.99
CA PHE A 32 8.34 -19.93 -8.17
C PHE A 32 6.94 -19.41 -7.83
N ALA A 33 6.41 -18.59 -8.71
CA ALA A 33 5.05 -18.15 -8.57
C ALA A 33 4.32 -18.39 -9.86
N ARG A 34 3.26 -19.20 -9.81
CA ARG A 34 2.38 -19.32 -10.95
C ARG A 34 1.58 -18.01 -11.08
N VAL A 35 1.02 -17.79 -12.25
CA VAL A 35 0.22 -16.60 -12.49
C VAL A 35 -1.16 -17.00 -13.02
N LYS A 36 -2.19 -16.73 -12.24
CA LYS A 36 -3.55 -16.91 -12.71
C LYS A 36 -4.09 -15.55 -13.09
N GLU A 37 -4.09 -15.29 -14.40
CA GLU A 37 -4.63 -14.08 -14.99
C GLU A 37 -5.89 -13.57 -14.26
N ASN A 38 -5.77 -12.38 -13.68
CA ASN A 38 -6.87 -11.65 -13.02
C ASN A 38 -7.39 -12.26 -11.72
N ALA A 39 -6.67 -13.22 -11.15
CA ALA A 39 -7.12 -13.87 -9.92
C ALA A 39 -7.11 -12.88 -8.75
N GLY A 40 -6.25 -11.87 -8.83
CA GLY A 40 -6.16 -10.88 -7.77
C GLY A 40 -5.27 -11.32 -6.62
N TYR A 41 -4.48 -12.36 -6.85
CA TYR A 41 -3.46 -12.76 -5.90
C TYR A 41 -2.45 -13.63 -6.60
N VAL A 42 -1.36 -13.91 -5.90
CA VAL A 42 -0.25 -14.66 -6.43
C VAL A 42 0.30 -15.47 -5.27
N ILE A 43 0.62 -16.74 -5.49
CA ILE A 43 1.26 -17.53 -4.46
C ILE A 43 2.72 -17.85 -4.80
N TYR A 44 3.63 -17.39 -3.95
CA TYR A 44 5.03 -17.73 -4.11
C TYR A 44 5.32 -19.02 -3.35
N GLU A 45 5.74 -20.04 -4.08
CA GLU A 45 6.03 -21.31 -3.47
C GLU A 45 7.54 -21.46 -3.30
N CYS A 46 8.01 -21.38 -2.07
CA CYS A 46 9.43 -21.54 -1.81
C CYS A 46 9.86 -22.99 -2.00
N TYR A 47 11.13 -23.20 -2.33
CA TYR A 47 11.66 -24.55 -2.48
C TYR A 47 11.90 -25.17 -1.11
N GLN A 48 12.50 -24.40 -0.21
CA GLN A 48 12.78 -24.90 1.13
C GLN A 48 11.53 -24.81 2.02
N PRO A 49 11.27 -25.87 2.79
CA PRO A 49 10.00 -26.09 3.53
C PRO A 49 9.58 -24.97 4.49
N ASP A 50 10.50 -24.28 5.12
CA ASP A 50 10.20 -23.30 6.11
C ASP A 50 10.63 -21.93 5.65
N ASP A 51 10.95 -21.81 4.40
CA ASP A 51 11.39 -20.54 3.82
C ASP A 51 10.25 -19.51 3.78
N GLY A 52 9.01 -19.99 3.78
CA GLY A 52 7.85 -19.12 3.80
C GLY A 52 7.85 -18.14 4.96
N ASP A 53 8.08 -18.65 6.17
CA ASP A 53 8.17 -17.79 7.34
C ASP A 53 9.43 -16.91 7.32
N LYS A 54 10.49 -17.39 6.67
CA LYS A 54 11.71 -16.62 6.55
C LYS A 54 11.44 -15.42 5.66
N LEU A 55 10.79 -15.68 4.54
CA LEU A 55 10.48 -14.63 3.57
C LEU A 55 9.63 -13.50 4.17
N ILE A 56 8.56 -13.82 4.90
CA ILE A 56 7.72 -12.74 5.44
C ILE A 56 8.25 -12.07 6.71
N ARG A 57 9.35 -12.60 7.24
CA ARG A 57 10.11 -11.95 8.32
C ARG A 57 11.17 -11.00 7.77
N GLU A 58 11.98 -11.47 6.82
CA GLU A 58 13.22 -10.79 6.47
C GLU A 58 13.15 -9.80 5.31
N LEU A 59 12.32 -10.10 4.30
CA LEU A 59 12.10 -9.15 3.21
C LEU A 59 11.11 -8.10 3.71
N PRO A 60 11.50 -6.82 3.64
CA PRO A 60 10.66 -5.72 4.14
C PRO A 60 9.41 -5.58 3.30
N PHE A 61 8.24 -5.65 3.93
CA PHE A 61 7.00 -5.61 3.18
C PHE A 61 6.88 -4.28 2.44
N SER A 62 7.39 -3.22 3.05
CA SER A 62 7.29 -1.88 2.49
C SER A 62 8.04 -1.73 1.17
N SER A 63 8.89 -2.70 0.84
CA SER A 63 9.68 -2.63 -0.38
C SER A 63 9.00 -3.28 -1.59
N LEU A 64 7.82 -3.88 -1.39
CA LEU A 64 7.11 -4.44 -2.54
C LEU A 64 6.11 -3.42 -3.09
N ILE A 65 6.12 -3.27 -4.40
CA ILE A 65 5.34 -2.25 -5.07
C ILE A 65 3.96 -2.76 -5.41
N PHE A 66 3.90 -4.01 -5.85
CA PHE A 66 2.68 -4.56 -6.41
C PHE A 66 1.91 -5.50 -5.48
N ALA A 67 2.36 -5.64 -4.24
CA ALA A 67 1.57 -6.38 -3.27
C ALA A 67 0.84 -5.44 -2.30
N ARG A 68 -0.47 -5.64 -2.18
CA ARG A 68 -1.28 -4.89 -1.22
C ARG A 68 -1.10 -5.46 0.19
N GLN A 69 -0.84 -6.75 0.26
CA GLN A 69 -0.71 -7.42 1.54
C GLN A 69 -0.12 -8.80 1.24
N TRP A 70 0.50 -9.42 2.25
CA TRP A 70 0.98 -10.79 2.11
C TRP A 70 0.85 -11.58 3.40
N PHE A 71 0.87 -12.91 3.28
CA PHE A 71 0.87 -13.80 4.43
C PHE A 71 1.30 -15.20 4.04
N VAL A 72 1.93 -15.91 4.97
CA VAL A 72 2.28 -17.31 4.74
C VAL A 72 1.03 -18.15 4.92
N VAL A 73 0.85 -19.16 4.08
CA VAL A 73 -0.28 -20.06 4.22
C VAL A 73 0.17 -21.51 4.18
N GLY A 74 -0.71 -22.41 4.57
CA GLY A 74 -0.43 -23.84 4.49
C GLY A 74 -1.15 -24.47 3.31
N GLU A 75 -1.72 -25.64 3.53
CA GLU A 75 -2.38 -26.37 2.46
C GLU A 75 -3.79 -25.86 2.24
N LEU A 76 -4.24 -25.90 0.98
CA LEU A 76 -5.58 -25.47 0.60
C LEU A 76 -6.66 -26.38 1.16
N LEU A 77 -7.52 -25.82 2.00
CA LEU A 77 -8.69 -26.53 2.48
C LEU A 77 -9.74 -26.46 1.37
N GLN A 78 -10.17 -27.62 0.89
CA GLN A 78 -11.23 -27.66 -0.12
C GLN A 78 -12.55 -28.21 0.44
N HIS A 79 -13.67 -27.75 -0.11
CA HIS A 79 -14.97 -28.25 0.29
C HIS A 79 -15.19 -28.17 1.80
N LEU A 80 -15.28 -26.96 2.32
CA LEU A 80 -15.71 -26.76 3.70
C LEU A 80 -17.22 -27.01 3.78
N PRO A 81 -17.64 -28.05 4.51
CA PRO A 81 -19.06 -28.40 4.62
C PRO A 81 -19.83 -27.31 5.37
N PRO A 82 -21.01 -26.92 4.87
CA PRO A 82 -21.77 -25.84 5.53
C PRO A 82 -22.16 -26.23 6.94
N GLU A 83 -22.29 -27.53 7.16
CA GLU A 83 -22.75 -28.03 8.44
C GLU A 83 -21.60 -28.17 9.44
N ASP A 84 -20.36 -28.13 8.93
CA ASP A 84 -19.20 -28.18 9.82
C ASP A 84 -18.08 -27.25 9.33
N ARG A 85 -18.21 -25.97 9.66
CA ARG A 85 -17.35 -24.94 9.08
C ARG A 85 -16.15 -24.55 9.94
N ILE A 86 -16.23 -24.88 11.22
CA ILE A 86 -15.28 -24.39 12.21
C ILE A 86 -14.14 -25.34 12.44
N THR A 87 -14.48 -26.58 12.73
CA THR A 87 -13.50 -27.64 13.01
C THR A 87 -12.33 -27.75 11.98
N PRO A 88 -12.64 -27.82 10.67
CA PRO A 88 -11.50 -28.04 9.78
C PRO A 88 -10.53 -26.87 9.77
N ILE A 89 -11.05 -25.65 9.88
CA ILE A 89 -10.25 -24.43 9.92
C ILE A 89 -9.44 -24.32 11.22
N VAL A 90 -10.05 -24.67 12.34
CA VAL A 90 -9.34 -24.75 13.62
C VAL A 90 -8.23 -25.80 13.58
N GLY A 91 -8.48 -26.92 12.91
CA GLY A 91 -7.50 -27.99 12.84
C GLY A 91 -6.27 -27.58 12.04
N MET A 92 -6.47 -26.70 11.06
N MET A 92 -6.45 -26.70 11.11
CA MET A 92 -5.37 -26.25 10.22
CA MET A 92 -5.36 -26.26 10.31
C MET A 92 -4.50 -25.21 10.93
C MET A 92 -4.50 -25.24 10.99
N LEU A 93 -5.09 -24.47 11.86
CA LEU A 93 -4.36 -23.40 12.55
C LEU A 93 -3.74 -23.79 13.87
N GLN A 94 -4.26 -24.85 14.51
CA GLN A 94 -3.75 -25.29 15.81
C GLN A 94 -2.31 -25.81 15.72
N GLY A 95 -1.47 -25.35 16.64
CA GLY A 95 -0.05 -25.63 16.54
C GLY A 95 0.68 -24.77 15.53
N VAL A 96 -0.05 -24.20 14.56
CA VAL A 96 0.55 -23.30 13.58
C VAL A 96 0.67 -21.89 14.13
N VAL A 97 -0.39 -21.41 14.78
CA VAL A 97 -0.35 -20.13 15.52
C VAL A 97 -0.96 -20.30 16.91
N GLU A 98 -0.24 -19.86 17.94
CA GLU A 98 -0.77 -19.84 19.31
C GLU A 98 -0.92 -18.41 19.82
N LYS A 99 -2.10 -18.10 20.32
CA LYS A 99 -2.42 -16.79 20.87
C LYS A 99 -2.11 -15.66 19.88
N GLY A 100 -2.64 -15.80 18.67
CA GLY A 100 -2.57 -14.76 17.66
C GLY A 100 -3.24 -13.46 18.09
N GLY A 101 -2.89 -12.37 17.43
CA GLY A 101 -3.34 -11.07 17.86
C GLY A 101 -4.62 -10.58 17.24
N GLU A 102 -4.97 -11.12 16.07
CA GLU A 102 -6.07 -10.56 15.28
C GLU A 102 -6.45 -11.54 14.19
N LEU A 103 -7.70 -11.46 13.73
CA LEU A 103 -8.16 -12.33 12.66
C LEU A 103 -8.67 -11.48 11.52
N ARG A 104 -8.36 -11.91 10.30
CA ARG A 104 -8.82 -11.25 9.09
C ARG A 104 -9.22 -12.36 8.15
N VAL A 105 -10.48 -12.35 7.74
CA VAL A 105 -10.99 -13.33 6.79
C VAL A 105 -11.19 -12.57 5.48
N GLU A 106 -10.35 -12.87 4.51
CA GLU A 106 -10.24 -12.03 3.32
C GLU A 106 -10.54 -12.79 2.04
N VAL A 107 -10.85 -12.06 0.97
CA VAL A 107 -10.91 -12.63 -0.38
C VAL A 107 -10.06 -11.83 -1.35
N ALA A 108 -10.00 -12.29 -2.59
CA ALA A 108 -9.37 -11.51 -3.65
C ALA A 108 -10.29 -10.35 -4.03
N ASP A 109 -9.68 -9.25 -4.49
CA ASP A 109 -10.43 -8.06 -4.84
C ASP A 109 -11.03 -8.14 -6.26
N THR A 110 -11.73 -9.23 -6.53
CA THR A 110 -12.39 -9.38 -7.81
C THR A 110 -13.90 -9.27 -7.65
N ASN A 111 -14.58 -9.12 -8.78
CA ASN A 111 -16.03 -8.99 -8.78
C ASN A 111 -16.70 -10.32 -8.50
N GLU A 112 -16.03 -11.40 -8.88
CA GLU A 112 -16.60 -12.72 -8.66
C GLU A 112 -16.56 -13.13 -7.19
N SER A 113 -15.79 -12.39 -6.38
CA SER A 113 -15.66 -12.70 -4.96
C SER A 113 -16.42 -11.70 -4.10
N LYS A 114 -17.26 -10.90 -4.73
CA LYS A 114 -18.05 -9.90 -4.03
C LYS A 114 -19.05 -10.51 -3.03
N GLU A 115 -19.75 -11.56 -3.43
CA GLU A 115 -20.67 -12.22 -2.50
C GLU A 115 -19.88 -12.91 -1.39
N LEU A 116 -18.80 -13.56 -1.78
CA LEU A 116 -17.93 -14.26 -0.85
C LEU A 116 -17.33 -13.31 0.19
N LEU A 117 -17.14 -12.04 -0.20
CA LEU A 117 -16.61 -11.04 0.71
C LEU A 117 -17.58 -10.79 1.85
N LYS A 118 -18.84 -10.62 1.50
CA LYS A 118 -19.91 -10.45 2.47
C LYS A 118 -19.97 -11.61 3.45
N PHE A 119 -19.89 -12.84 2.93
CA PHE A 119 -19.77 -14.01 3.80
C PHE A 119 -18.57 -13.95 4.74
N CYS A 120 -17.42 -13.52 4.24
CA CYS A 120 -16.19 -13.52 5.01
C CYS A 120 -16.21 -12.52 6.17
N ARG A 121 -16.76 -11.34 5.92
CA ARG A 121 -16.84 -10.32 6.96
C ARG A 121 -17.73 -10.72 8.11
N LYS A 122 -18.73 -11.55 7.82
CA LYS A 122 -19.66 -11.94 8.85
C LYS A 122 -19.15 -13.18 9.56
N PHE A 123 -18.57 -14.09 8.78
CA PHE A 123 -17.95 -15.29 9.30
C PHE A 123 -16.83 -14.98 10.31
N THR A 124 -16.17 -13.83 10.14
CA THR A 124 -15.11 -13.36 11.05
C THR A 124 -15.55 -13.46 12.51
N VAL A 125 -16.76 -13.02 12.80
CA VAL A 125 -17.23 -12.97 14.18
C VAL A 125 -17.30 -14.35 14.87
N PRO A 126 -18.06 -15.30 14.30
CA PRO A 126 -18.13 -16.61 14.95
C PRO A 126 -16.81 -17.36 14.85
N LEU A 127 -16.07 -17.12 13.78
CA LEU A 127 -14.80 -17.80 13.60
C LEU A 127 -13.79 -17.33 14.65
N ARG A 128 -13.72 -16.02 14.88
CA ARG A 128 -12.84 -15.44 15.90
C ARG A 128 -13.13 -15.99 17.30
N ALA A 129 -14.41 -16.11 17.67
CA ALA A 129 -14.75 -16.65 18.97
C ALA A 129 -14.25 -18.09 19.11
N ALA A 130 -14.45 -18.90 18.07
CA ALA A 130 -13.98 -20.29 18.05
C ALA A 130 -12.46 -20.43 18.08
N LEU A 131 -11.77 -19.57 17.34
CA LEU A 131 -10.32 -19.60 17.35
C LEU A 131 -9.78 -19.17 18.73
N ARG A 132 -10.49 -18.26 19.40
CA ARG A 132 -10.15 -17.94 20.79
C ARG A 132 -10.23 -19.16 21.72
N ASP A 133 -11.38 -19.84 21.75
CA ASP A 133 -11.53 -21.06 22.56
C ASP A 133 -10.43 -22.08 22.30
N ALA A 134 -9.98 -22.17 21.05
CA ALA A 134 -8.97 -23.16 20.70
C ALA A 134 -7.54 -22.67 21.02
N GLY A 135 -7.43 -21.43 21.47
CA GLY A 135 -6.13 -20.85 21.79
C GLY A 135 -5.31 -20.37 20.60
N VAL A 136 -5.92 -20.35 19.41
CA VAL A 136 -5.26 -19.86 18.20
C VAL A 136 -5.21 -18.35 18.24
N LEU A 137 -6.25 -17.73 18.80
CA LEU A 137 -6.28 -16.28 19.02
C LEU A 137 -6.28 -15.97 20.50
N ALA A 138 -5.58 -14.89 20.87
CA ALA A 138 -5.64 -14.39 22.23
C ALA A 138 -7.07 -13.86 22.51
N ASN A 139 -7.46 -13.84 23.78
CA ASN A 139 -8.81 -13.42 24.13
C ASN A 139 -8.99 -11.92 23.92
N TYR A 140 -7.88 -11.21 23.79
CA TYR A 140 -7.93 -9.78 23.52
C TYR A 140 -7.11 -9.47 22.28
N GLU A 141 -7.55 -8.49 21.50
CA GLU A 141 -6.82 -8.04 20.32
C GLU A 141 -5.42 -7.52 20.72
N THR A 142 -4.40 -7.82 19.91
CA THR A 142 -3.03 -7.39 20.22
C THR A 142 -2.24 -7.06 18.97
N PRO A 143 -1.59 -5.88 18.96
CA PRO A 143 -0.65 -5.47 17.90
C PRO A 143 0.58 -6.36 17.80
N LYS A 144 1.09 -6.83 18.93
CA LYS A 144 2.35 -7.56 18.95
C LYS A 144 2.24 -9.08 18.87
N ARG A 145 1.14 -9.58 18.32
CA ARG A 145 1.09 -10.98 17.93
C ARG A 145 0.79 -11.02 16.43
N PRO A 146 1.08 -12.16 15.76
CA PRO A 146 0.85 -12.18 14.31
C PRO A 146 -0.62 -12.00 13.97
N VAL A 147 -0.91 -11.44 12.81
CA VAL A 147 -2.26 -11.43 12.29
C VAL A 147 -2.56 -12.81 11.74
N VAL A 148 -3.72 -13.37 12.09
CA VAL A 148 -4.14 -14.66 11.52
C VAL A 148 -5.05 -14.40 10.30
N HIS A 149 -4.67 -14.97 9.17
CA HIS A 149 -5.42 -14.78 7.94
C HIS A 149 -6.09 -16.08 7.56
N VAL A 150 -7.39 -16.00 7.28
CA VAL A 150 -8.09 -17.08 6.61
C VAL A 150 -8.57 -16.55 5.26
N PHE A 151 -8.02 -17.12 4.19
CA PHE A 151 -8.17 -16.56 2.85
C PHE A 151 -9.03 -17.43 1.92
N PHE A 152 -10.18 -16.92 1.53
CA PHE A 152 -11.11 -17.70 0.70
C PHE A 152 -10.96 -17.37 -0.79
N ILE A 153 -10.56 -18.39 -1.57
CA ILE A 153 -10.39 -18.23 -3.01
C ILE A 153 -11.63 -18.67 -3.79
N ALA A 154 -12.55 -19.33 -3.11
CA ALA A 154 -13.85 -19.72 -3.64
C ALA A 154 -14.67 -20.17 -2.45
N PRO A 155 -16.00 -20.30 -2.61
CA PRO A 155 -16.79 -20.77 -1.47
C PRO A 155 -16.34 -22.14 -0.98
N GLY A 156 -16.17 -22.29 0.34
CA GLY A 156 -15.72 -23.55 0.91
C GLY A 156 -14.27 -23.91 0.60
N CYS A 158 -10.47 -22.40 1.20
CA CYS A 158 -9.66 -21.37 1.81
C CYS A 158 -8.27 -21.83 2.25
N TYR A 159 -7.36 -20.86 2.34
CA TYR A 159 -6.05 -21.09 2.95
C TYR A 159 -6.07 -20.51 4.37
N THR A 160 -5.15 -20.98 5.21
CA THR A 160 -4.97 -20.38 6.53
C THR A 160 -3.49 -20.13 6.79
N GLY A 161 -3.19 -19.07 7.54
CA GLY A 161 -1.83 -18.69 7.83
C GLY A 161 -1.74 -17.37 8.55
N TYR A 162 -0.62 -16.67 8.41
CA TYR A 162 -0.40 -15.48 9.23
C TYR A 162 0.58 -14.50 8.60
N SER A 163 0.70 -13.34 9.23
CA SER A 163 1.71 -12.36 8.88
C SER A 163 2.09 -11.57 10.14
N TYR A 164 3.26 -10.95 10.11
CA TYR A 164 3.73 -10.19 11.26
C TYR A 164 3.27 -8.75 11.16
N SER A 165 2.68 -8.25 12.24
CA SER A 165 2.10 -6.90 12.25
C SER A 165 3.14 -5.79 12.04
N ASN A 166 4.39 -6.09 12.39
CA ASN A 166 5.51 -5.19 12.11
C ASN A 166 6.12 -5.36 10.72
N ASN A 167 5.48 -6.16 9.86
CA ASN A 167 5.96 -6.35 8.49
C ASN A 167 4.85 -6.77 7.53
N ASN A 168 3.81 -5.96 7.45
CA ASN A 168 2.65 -6.27 6.60
C ASN A 168 1.80 -5.03 6.38
N SER A 169 0.66 -5.20 5.75
CA SER A 169 -0.30 -4.12 5.67
C SER A 169 -1.15 -4.15 6.93
N PRO A 170 -1.31 -2.98 7.58
CA PRO A 170 -2.24 -2.91 8.73
C PRO A 170 -3.71 -2.98 8.29
N PHE A 171 -3.96 -3.02 6.99
CA PHE A 171 -5.32 -2.89 6.48
C PHE A 171 -5.89 -4.19 5.94
N TYR A 172 -7.22 -4.28 6.01
CA TYR A 172 -7.95 -5.44 5.56
C TYR A 172 -7.84 -5.52 4.05
N MET A 173 -7.39 -6.67 3.55
CA MET A 173 -7.18 -6.86 2.11
C MET A 173 -6.12 -5.89 1.55
N GLY A 174 -5.35 -5.27 2.45
CA GLY A 174 -4.38 -4.26 2.10
C GLY A 174 -4.99 -2.99 1.56
N ILE A 175 -6.27 -2.76 1.89
CA ILE A 175 -7.02 -1.62 1.39
C ILE A 175 -7.58 -0.80 2.55
N PRO A 176 -7.03 0.39 2.81
CA PRO A 176 -7.63 1.19 3.88
C PRO A 176 -9.08 1.56 3.55
N ARG A 177 -9.92 1.60 4.59
CA ARG A 177 -11.35 1.86 4.41
C ARG A 177 -11.59 3.37 4.40
N LEU A 178 -11.92 3.92 3.23
CA LEU A 178 -12.14 5.36 3.06
C LEU A 178 -13.49 5.68 2.43
N LYS A 179 -14.25 6.56 3.07
CA LYS A 179 -15.45 7.12 2.45
C LYS A 179 -15.08 8.38 1.67
N PHE A 180 -15.68 8.55 0.49
CA PHE A 180 -15.46 9.76 -0.29
C PHE A 180 -16.25 10.94 0.28
N PRO A 181 -15.56 12.06 0.56
CA PRO A 181 -16.25 13.22 1.14
C PRO A 181 -16.87 14.07 0.04
N ALA A 182 -18.16 14.34 0.15
CA ALA A 182 -18.89 15.06 -0.88
C ALA A 182 -18.38 16.48 -1.13
N ASP A 183 -17.80 17.11 -0.11
CA ASP A 183 -17.23 18.44 -0.31
C ASP A 183 -15.85 18.48 -0.99
N ALA A 184 -15.24 17.32 -1.23
CA ALA A 184 -13.96 17.29 -1.97
C ALA A 184 -14.20 17.37 -3.48
N PRO A 185 -13.42 18.20 -4.18
CA PRO A 185 -13.55 18.54 -5.61
C PRO A 185 -13.33 17.39 -6.63
N SER A 186 -12.67 16.31 -6.22
CA SER A 186 -12.33 15.23 -7.12
C SER A 186 -12.24 13.90 -6.39
N ARG A 187 -12.51 12.80 -7.09
CA ARG A 187 -12.46 11.49 -6.46
C ARG A 187 -11.00 11.10 -6.20
N SER A 188 -10.08 11.75 -6.92
CA SER A 188 -8.67 11.43 -6.80
C SER A 188 -8.09 11.83 -5.44
N THR A 189 -8.90 12.51 -4.62
CA THR A 189 -8.55 12.87 -3.26
C THR A 189 -8.22 11.61 -2.47
N LEU A 190 -8.87 10.51 -2.82
CA LEU A 190 -8.69 9.25 -2.11
C LEU A 190 -7.33 8.60 -2.41
N LYS A 191 -6.70 8.97 -3.52
CA LYS A 191 -5.33 8.52 -3.78
C LYS A 191 -4.32 9.05 -2.76
N LEU A 192 -4.39 10.35 -2.50
CA LEU A 192 -3.49 10.96 -1.52
C LEU A 192 -3.83 10.50 -0.11
N GLU A 193 -5.14 10.51 0.20
CA GLU A 193 -5.60 10.00 1.48
C GLU A 193 -5.14 8.54 1.69
N GLU A 194 -5.31 7.69 0.69
CA GLU A 194 -4.87 6.30 0.81
C GLU A 194 -3.38 6.27 1.04
N ALA A 195 -2.66 7.05 0.25
CA ALA A 195 -1.21 7.14 0.37
C ALA A 195 -0.78 7.55 1.77
N PHE A 196 -1.49 8.50 2.39
CA PHE A 196 -1.19 8.88 3.77
C PHE A 196 -1.31 7.66 4.67
N HIS A 197 -2.38 6.88 4.49
CA HIS A 197 -2.57 5.68 5.31
C HIS A 197 -1.52 4.59 5.05
N VAL A 198 -1.13 4.41 3.79
CA VAL A 198 -0.18 3.35 3.43
C VAL A 198 1.26 3.62 3.88
N PHE A 199 1.70 4.89 3.79
CA PHE A 199 3.11 5.25 3.90
C PHE A 199 3.52 5.89 5.24
N ILE A 200 2.61 6.60 5.87
CA ILE A 200 2.92 7.25 7.15
C ILE A 200 2.25 6.49 8.30
N PRO A 201 3.05 5.81 9.15
CA PRO A 201 2.52 5.09 10.32
C PRO A 201 1.59 5.97 11.16
N ALA A 202 0.41 5.45 11.48
CA ALA A 202 -0.69 6.24 12.06
C ALA A 202 -0.31 7.07 13.26
N ASP A 203 0.60 6.56 14.08
CA ASP A 203 1.00 7.26 15.29
C ASP A 203 2.01 8.36 15.00
N GLU A 204 2.40 8.52 13.73
CA GLU A 204 3.31 9.60 13.36
C GLU A 204 2.58 10.70 12.61
N TRP A 205 1.28 10.51 12.42
CA TRP A 205 0.47 11.45 11.62
C TRP A 205 0.53 12.88 12.15
N ASP A 206 0.32 13.07 13.44
CA ASP A 206 0.25 14.42 14.00
C ASP A 206 1.61 15.11 13.90
N GLU A 207 2.67 14.31 13.84
CA GLU A 207 4.01 14.81 13.75
C GLU A 207 4.44 15.07 12.30
N ARG A 208 4.11 14.14 11.41
CA ARG A 208 4.60 14.25 10.04
C ARG A 208 3.62 14.90 9.07
N LEU A 209 2.32 14.81 9.37
CA LEU A 209 1.26 15.49 8.62
C LEU A 209 0.68 16.58 9.52
N ALA A 210 1.56 17.47 9.95
CA ALA A 210 1.27 18.35 11.08
C ALA A 210 0.47 19.61 10.73
N ASN A 211 -0.47 19.92 11.62
CA ASN A 211 -1.17 21.19 11.65
C ASN A 211 -0.14 22.30 11.49
N GLY A 212 -0.31 23.12 10.45
CA GLY A 212 0.53 24.29 10.27
C GLY A 212 1.62 24.20 9.22
N MET A 213 1.84 23.02 8.67
CA MET A 213 2.89 22.84 7.66
C MET A 213 2.55 23.53 6.33
N TRP A 214 3.59 24.03 5.66
CA TRP A 214 3.47 24.46 4.27
C TRP A 214 3.55 23.24 3.36
N ALA A 215 2.72 23.24 2.32
CA ALA A 215 2.79 22.21 1.32
C ALA A 215 2.65 22.82 -0.08
N VAL A 216 3.12 22.08 -1.08
CA VAL A 216 2.93 22.47 -2.47
C VAL A 216 2.25 21.30 -3.18
N ASP A 217 1.24 21.60 -3.98
CA ASP A 217 0.54 20.61 -4.77
C ASP A 217 0.70 21.01 -6.22
N LEU A 218 1.48 20.22 -6.98
CA LEU A 218 1.75 20.51 -8.39
C LEU A 218 0.73 19.81 -9.26
N GLY A 219 0.07 20.56 -10.13
CA GLY A 219 -1.02 20.01 -10.92
C GLY A 219 -2.26 19.86 -10.06
N ALA A 220 -2.61 20.95 -9.38
CA ALA A 220 -3.55 20.90 -8.28
C ALA A 220 -5.02 20.94 -8.71
N CYS A 221 -5.29 21.49 -9.89
CA CYS A 221 -6.64 21.66 -10.38
C CYS A 221 -7.41 20.34 -10.55
N PRO A 222 -8.63 20.23 -9.98
CA PRO A 222 -9.38 21.23 -9.21
C PRO A 222 -9.23 21.16 -7.69
N GLY A 223 -8.45 20.21 -7.17
CA GLY A 223 -8.11 20.25 -5.76
C GLY A 223 -8.37 19.05 -4.86
N GLY A 224 -8.34 17.86 -5.43
CA GLY A 224 -8.55 16.66 -4.64
C GLY A 224 -7.41 16.41 -3.67
N TRP A 225 -6.18 16.52 -4.17
CA TRP A 225 -5.00 16.37 -3.32
C TRP A 225 -4.84 17.52 -2.33
N THR A 226 -4.93 18.76 -2.82
CA THR A 226 -4.98 19.93 -1.96
C THR A 226 -5.95 19.73 -0.78
N TYR A 227 -7.13 19.18 -1.06
CA TYR A 227 -8.15 18.93 -0.03
C TYR A 227 -7.64 18.12 1.18
N GLN A 228 -6.79 17.13 0.92
CA GLN A 228 -6.31 16.25 1.97
C GLN A 228 -5.30 16.98 2.82
N LEU A 229 -4.55 17.86 2.16
CA LEU A 229 -3.57 18.69 2.84
C LEU A 229 -4.30 19.71 3.71
N VAL A 230 -5.37 20.28 3.17
CA VAL A 230 -6.17 21.26 3.89
C VAL A 230 -6.83 20.60 5.10
N LYS A 231 -7.34 19.40 4.90
CA LYS A 231 -7.92 18.63 6.00
C LYS A 231 -6.90 18.39 7.13
N ARG A 232 -5.61 18.33 6.82
CA ARG A 232 -4.61 18.21 7.88
C ARG A 232 -4.21 19.56 8.51
N ASN A 233 -4.89 20.63 8.10
CA ASN A 233 -4.63 21.98 8.60
C ASN A 233 -3.30 22.55 8.14
N MET A 234 -2.94 22.22 6.90
CA MET A 234 -1.74 22.74 6.29
C MET A 234 -2.08 23.98 5.48
N TRP A 235 -1.06 24.79 5.21
CA TRP A 235 -1.17 25.89 4.25
C TRP A 235 -0.57 25.39 2.95
N VAL A 236 -1.31 25.62 1.86
CA VAL A 236 -1.02 25.01 0.57
C VAL A 236 -0.83 26.03 -0.55
N TYR A 237 0.24 25.88 -1.31
CA TYR A 237 0.37 26.53 -2.61
C TYR A 237 -0.12 25.52 -3.67
N SER A 238 -1.31 25.76 -4.21
CA SER A 238 -1.84 24.92 -5.28
C SER A 238 -1.39 25.44 -6.65
N VAL A 239 -0.61 24.64 -7.36
CA VAL A 239 0.02 25.09 -8.60
C VAL A 239 -0.66 24.49 -9.82
N ASP A 240 -1.32 25.35 -10.59
CA ASP A 240 -1.96 24.91 -11.81
C ASP A 240 -2.44 26.09 -12.63
N ASN A 241 -2.58 25.89 -13.94
CA ASN A 241 -3.19 26.89 -14.80
C ASN A 241 -4.71 26.82 -14.75
N GLY A 242 -5.23 25.67 -14.31
CA GLY A 242 -6.66 25.50 -14.09
C GLY A 242 -7.09 25.97 -12.71
N PRO A 243 -8.39 26.25 -12.56
CA PRO A 243 -8.88 26.92 -11.35
C PRO A 243 -9.05 25.95 -10.20
N MET A 244 -8.83 26.44 -8.98
CA MET A 244 -9.05 25.67 -7.77
C MET A 244 -10.50 25.82 -7.31
N ALA A 245 -11.05 24.76 -6.73
CA ALA A 245 -12.42 24.80 -6.25
C ALA A 245 -12.60 25.96 -5.24
N GLN A 246 -13.72 26.67 -5.36
CA GLN A 246 -14.01 27.81 -4.50
C GLN A 246 -14.09 27.38 -3.04
N SER A 247 -14.66 26.21 -2.80
CA SER A 247 -14.75 25.63 -1.47
C SER A 247 -13.38 25.56 -0.81
N LEU A 248 -12.35 25.28 -1.60
CA LEU A 248 -10.99 25.25 -1.06
C LEU A 248 -10.49 26.67 -0.81
N MET A 249 -10.66 27.54 -1.79
CA MET A 249 -10.24 28.93 -1.66
C MET A 249 -10.87 29.63 -0.45
N ASP A 250 -12.11 29.26 -0.10
CA ASP A 250 -12.81 29.89 1.02
C ASP A 250 -12.20 29.58 2.39
N THR A 251 -11.44 28.50 2.48
CA THR A 251 -10.88 28.09 3.77
C THR A 251 -9.85 29.09 4.28
N GLY A 252 -9.22 29.83 3.38
CA GLY A 252 -8.16 30.74 3.76
C GLY A 252 -6.79 30.09 3.81
N GLN A 253 -6.70 28.82 3.42
CA GLN A 253 -5.44 28.07 3.51
C GLN A 253 -4.81 27.80 2.14
N VAL A 254 -5.50 28.19 1.07
CA VAL A 254 -5.00 27.86 -0.25
C VAL A 254 -4.58 29.08 -1.05
N THR A 255 -3.32 29.09 -1.49
CA THR A 255 -2.83 30.11 -2.41
C THR A 255 -2.72 29.52 -3.81
N TRP A 256 -3.50 30.06 -4.74
CA TRP A 256 -3.52 29.56 -6.11
C TRP A 256 -2.46 30.23 -6.97
N LEU A 257 -1.47 29.45 -7.38
CA LEU A 257 -0.42 29.92 -8.28
C LEU A 257 -0.69 29.43 -9.70
N ARG A 258 -1.00 30.37 -10.59
CA ARG A 258 -1.34 30.05 -11.97
C ARG A 258 -0.10 29.75 -12.81
N GLU A 259 0.48 28.57 -12.60
CA GLU A 259 1.73 28.22 -13.25
C GLU A 259 1.73 26.76 -13.69
N ASP A 260 2.84 26.37 -14.31
CA ASP A 260 3.10 25.02 -14.77
C ASP A 260 3.93 24.30 -13.71
N GLY A 261 3.34 23.27 -13.11
CA GLY A 261 4.00 22.53 -12.04
C GLY A 261 5.44 22.14 -12.38
N PHE A 262 5.67 21.84 -13.66
CA PHE A 262 6.99 21.46 -14.15
C PHE A 262 7.94 22.63 -14.23
N LYS A 263 7.39 23.84 -14.31
CA LYS A 263 8.22 25.04 -14.37
C LYS A 263 8.34 25.75 -13.02
N PHE A 264 7.50 25.37 -12.07
CA PHE A 264 7.41 26.08 -10.80
C PHE A 264 8.66 25.97 -9.92
N ARG A 265 9.17 27.12 -9.47
CA ARG A 265 10.27 27.17 -8.49
C ARG A 265 9.73 27.79 -7.20
N PRO A 266 9.81 27.06 -6.09
CA PRO A 266 9.34 27.64 -4.82
C PRO A 266 10.26 28.77 -4.36
N THR A 267 9.67 29.93 -4.06
CA THR A 267 10.44 31.04 -3.50
C THR A 267 10.73 30.76 -2.02
N ARG A 268 9.77 30.13 -1.35
CA ARG A 268 9.83 29.78 0.08
C ARG A 268 10.86 28.68 0.40
N SER A 269 11.42 28.73 1.59
CA SER A 269 12.52 27.83 1.95
C SER A 269 12.13 26.71 2.91
N ASN A 270 10.96 26.82 3.53
CA ASN A 270 10.56 25.85 4.55
C ASN A 270 9.30 25.03 4.22
N ILE A 271 9.26 24.50 3.00
CA ILE A 271 8.15 23.65 2.61
C ILE A 271 8.34 22.23 3.14
N SER A 272 7.38 21.75 3.91
CA SER A 272 7.47 20.39 4.45
C SER A 272 7.09 19.37 3.40
N TRP A 273 5.99 19.62 2.72
CA TRP A 273 5.39 18.64 1.84
C TRP A 273 5.25 19.14 0.42
N MET A 274 5.65 18.32 -0.54
CA MET A 274 5.26 18.54 -1.92
C MET A 274 4.56 17.29 -2.43
N VAL A 275 3.40 17.47 -3.04
CA VAL A 275 2.73 16.36 -3.69
C VAL A 275 2.47 16.67 -5.16
N CYS A 276 2.50 15.63 -6.00
CA CYS A 276 2.39 15.81 -7.45
C CYS A 276 1.64 14.66 -8.15
N ASP A 277 0.56 15.01 -8.82
CA ASP A 277 -0.27 14.04 -9.52
C ASP A 277 -0.46 14.58 -10.93
N MET A 278 0.66 14.87 -11.59
CA MET A 278 0.65 15.45 -12.92
C MET A 278 0.75 14.34 -13.94
N VAL A 279 -0.08 14.38 -14.97
CA VAL A 279 -0.09 13.35 -16.01
C VAL A 279 0.98 13.61 -17.06
N GLU A 280 1.99 12.76 -17.10
CA GLU A 280 3.18 13.00 -17.91
C GLU A 280 4.08 11.76 -17.85
N LYS A 281 5.04 11.68 -18.77
CA LYS A 281 5.98 10.56 -18.85
C LYS A 281 6.67 10.30 -17.53
N PRO A 282 6.71 9.02 -17.11
CA PRO A 282 7.32 8.63 -15.83
C PRO A 282 8.77 9.10 -15.63
N ALA A 283 9.59 9.04 -16.67
CA ALA A 283 10.97 9.48 -16.51
C ALA A 283 11.08 11.00 -16.25
N LYS A 284 10.15 11.77 -16.80
CA LYS A 284 10.16 13.21 -16.63
C LYS A 284 9.66 13.59 -15.24
N VAL A 285 8.56 12.97 -14.81
CA VAL A 285 8.02 13.22 -13.47
C VAL A 285 9.06 12.88 -12.42
N ALA A 286 9.66 11.70 -12.57
CA ALA A 286 10.73 11.28 -11.68
C ALA A 286 11.86 12.31 -11.63
N ALA A 287 12.21 12.89 -12.78
CA ALA A 287 13.29 13.89 -12.87
C ALA A 287 12.93 15.13 -12.07
N LEU A 288 11.71 15.60 -12.28
CA LEU A 288 11.20 16.71 -11.50
C LEU A 288 11.29 16.42 -9.99
N MET A 289 10.86 15.22 -9.59
CA MET A 289 10.84 14.84 -8.17
C MET A 289 12.27 14.84 -7.61
N ALA A 290 13.21 14.38 -8.41
CA ALA A 290 14.61 14.40 -7.99
C ALA A 290 15.16 15.82 -7.82
N GLN A 291 14.75 16.74 -8.71
CA GLN A 291 15.10 18.15 -8.53
C GLN A 291 14.67 18.65 -7.17
N TRP A 292 13.36 18.54 -6.87
CA TRP A 292 12.82 18.95 -5.57
C TRP A 292 13.59 18.42 -4.36
N LEU A 293 13.90 17.13 -4.38
CA LEU A 293 14.56 16.48 -3.25
C LEU A 293 16.02 16.87 -3.13
N VAL A 294 16.73 16.88 -4.26
CA VAL A 294 18.15 17.23 -4.29
C VAL A 294 18.37 18.70 -3.87
N ASN A 295 17.44 19.58 -4.22
CA ASN A 295 17.55 20.98 -3.82
C ASN A 295 16.97 21.27 -2.43
N GLY A 296 16.44 20.24 -1.77
CA GLY A 296 15.79 20.44 -0.48
C GLY A 296 14.61 21.42 -0.48
N TRP A 297 13.87 21.47 -1.58
CA TRP A 297 12.66 22.28 -1.69
C TRP A 297 11.48 21.73 -0.87
N CYS A 298 11.52 20.43 -0.58
CA CYS A 298 10.57 19.82 0.35
C CYS A 298 11.26 18.81 1.25
N ARG A 299 10.65 18.53 2.39
CA ARG A 299 11.16 17.50 3.30
C ARG A 299 10.58 16.11 2.94
N GLU A 300 9.30 16.06 2.57
CA GLU A 300 8.68 14.81 2.15
C GLU A 300 7.80 15.02 0.93
N THR A 301 7.58 13.97 0.17
CA THR A 301 6.82 14.06 -1.06
C THR A 301 6.02 12.80 -1.37
N ILE A 302 4.82 12.99 -1.91
CA ILE A 302 4.05 11.89 -2.47
C ILE A 302 3.70 12.28 -3.90
N PHE A 303 3.91 11.37 -4.84
CA PHE A 303 3.67 11.62 -6.25
C PHE A 303 3.31 10.34 -6.97
N ASN A 304 2.81 10.48 -8.19
CA ASN A 304 2.39 9.36 -9.02
C ASN A 304 3.23 9.19 -10.28
N LEU A 305 3.48 7.95 -10.63
CA LEU A 305 4.15 7.59 -11.86
C LEU A 305 3.25 6.67 -12.67
N LYS A 306 2.94 7.07 -13.90
CA LYS A 306 2.16 6.23 -14.79
C LYS A 306 3.01 5.05 -15.25
N LEU A 307 2.35 3.90 -15.44
CA LEU A 307 3.03 2.69 -15.91
C LEU A 307 2.93 2.57 -17.42
N PRO A 308 3.95 1.96 -18.05
CA PRO A 308 3.92 1.68 -19.48
C PRO A 308 3.03 0.47 -19.75
N MET A 309 3.02 -0.03 -20.97
CA MET A 309 2.14 -1.13 -21.31
C MET A 309 2.81 -2.44 -20.95
N LYS A 310 4.10 -2.54 -21.23
CA LYS A 310 4.85 -3.75 -20.96
C LYS A 310 5.97 -3.43 -19.97
N LYS A 311 6.58 -4.47 -19.43
CA LYS A 311 7.71 -4.30 -18.54
C LYS A 311 7.44 -3.27 -17.43
N ARG A 312 6.27 -3.35 -16.84
CA ARG A 312 5.86 -2.36 -15.85
C ARG A 312 6.72 -2.40 -14.60
N TYR A 313 6.96 -3.59 -14.06
CA TYR A 313 7.80 -3.75 -12.88
C TYR A 313 9.23 -3.29 -13.11
N GLU A 314 9.76 -3.60 -14.29
CA GLU A 314 11.11 -3.22 -14.69
C GLU A 314 11.20 -1.71 -14.88
N GLU A 315 10.26 -1.16 -15.64
CA GLU A 315 10.23 0.28 -15.93
C GLU A 315 10.13 1.16 -14.69
N VAL A 316 9.17 0.86 -13.82
CA VAL A 316 8.96 1.66 -12.63
C VAL A 316 10.10 1.50 -11.62
N SER A 317 10.78 0.35 -11.65
CA SER A 317 11.95 0.15 -10.81
C SER A 317 13.10 0.99 -11.36
N HIS A 318 13.17 1.07 -12.70
CA HIS A 318 14.15 1.92 -13.35
C HIS A 318 13.99 3.38 -12.88
N ASN A 319 12.77 3.93 -13.02
CA ASN A 319 12.43 5.27 -12.51
C ASN A 319 12.89 5.50 -11.07
N LEU A 320 12.59 4.56 -10.19
CA LEU A 320 12.99 4.69 -8.80
C LEU A 320 14.51 4.72 -8.64
N ALA A 321 15.21 3.85 -9.36
CA ALA A 321 16.68 3.83 -9.32
C ALA A 321 17.29 5.12 -9.90
N TYR A 322 16.62 5.73 -10.88
CA TYR A 322 17.01 7.06 -11.32
C TYR A 322 17.03 8.07 -10.17
N ILE A 323 15.90 8.20 -9.48
CA ILE A 323 15.80 9.11 -8.33
C ILE A 323 16.83 8.75 -7.25
N GLN A 324 17.01 7.47 -6.98
CA GLN A 324 18.00 7.07 -5.98
C GLN A 324 19.41 7.41 -6.45
N ALA A 325 19.64 7.34 -7.76
CA ALA A 325 20.96 7.64 -8.30
C ALA A 325 21.26 9.12 -8.12
N GLN A 326 20.29 9.97 -8.46
CA GLN A 326 20.37 11.39 -8.23
C GLN A 326 20.65 11.76 -6.77
N LEU A 327 20.07 11.03 -5.83
CA LEU A 327 20.31 11.31 -4.42
C LEU A 327 21.74 10.95 -4.03
N ASP A 328 22.15 9.75 -4.38
CA ASP A 328 23.50 9.26 -4.12
C ASP A 328 24.55 10.22 -4.67
N GLU A 329 24.36 10.63 -5.92
CA GLU A 329 25.25 11.57 -6.59
C GLU A 329 25.46 12.87 -5.81
N HIS A 330 24.46 13.29 -5.03
CA HIS A 330 24.56 14.52 -4.25
C HIS A 330 24.62 14.27 -2.75
N GLY A 331 24.91 13.03 -2.36
CA GLY A 331 25.11 12.68 -0.96
C GLY A 331 23.90 12.89 -0.07
N ILE A 332 22.72 12.58 -0.60
CA ILE A 332 21.47 12.83 0.12
C ILE A 332 20.79 11.57 0.65
N ASN A 333 20.51 11.56 1.95
CA ASN A 333 19.86 10.43 2.61
C ASN A 333 18.34 10.52 2.63
N ALA A 334 17.68 9.50 2.08
CA ALA A 334 16.23 9.50 1.97
C ALA A 334 15.71 8.08 2.00
N GLN A 335 14.47 7.92 2.46
CA GLN A 335 13.78 6.63 2.39
C GLN A 335 12.74 6.71 1.30
N ILE A 336 12.67 5.66 0.49
CA ILE A 336 11.76 5.63 -0.64
C ILE A 336 10.84 4.41 -0.59
N GLN A 337 9.54 4.64 -0.76
CA GLN A 337 8.57 3.55 -0.90
C GLN A 337 7.67 3.82 -2.08
N ALA A 338 7.19 2.74 -2.69
CA ALA A 338 6.25 2.85 -3.80
C ALA A 338 5.27 1.70 -3.66
N ARG A 339 4.02 1.98 -3.94
CA ARG A 339 3.00 0.98 -3.80
C ARG A 339 1.93 1.26 -4.84
N GLN A 340 1.48 0.21 -5.53
CA GLN A 340 0.31 0.37 -6.39
C GLN A 340 -0.90 0.42 -5.45
N LEU A 341 -1.33 1.63 -5.14
CA LEU A 341 -2.46 1.83 -4.23
C LEU A 341 -3.73 1.23 -4.81
N TYR A 342 -4.72 1.02 -3.95
CA TYR A 342 -6.02 0.48 -4.35
C TYR A 342 -6.70 1.40 -5.37
N HIS A 343 -6.57 2.71 -5.14
CA HIS A 343 -7.10 3.73 -6.04
C HIS A 343 -6.14 4.08 -7.19
N ASP A 344 -5.07 3.29 -7.38
CA ASP A 344 -4.21 3.42 -8.54
C ASP A 344 -4.57 2.36 -9.59
N ARG A 345 -4.70 2.77 -10.85
CA ARG A 345 -4.94 1.79 -11.92
C ARG A 345 -3.64 1.46 -12.64
N GLU A 346 -3.46 2.04 -13.82
CA GLU A 346 -2.20 1.87 -14.55
C GLU A 346 -1.14 2.84 -14.03
N GLU A 347 -1.00 2.92 -12.70
CA GLU A 347 0.03 3.73 -12.06
C GLU A 347 0.46 3.24 -10.69
N VAL A 348 1.53 3.82 -10.19
CA VAL A 348 2.12 3.51 -8.88
C VAL A 348 2.25 4.82 -8.10
N THR A 349 2.02 4.79 -6.79
CA THR A 349 2.26 5.97 -5.96
C THR A 349 3.58 5.82 -5.18
N VAL A 350 4.31 6.92 -5.04
CA VAL A 350 5.61 6.90 -4.41
C VAL A 350 5.66 7.87 -3.25
N HIS A 351 6.33 7.48 -2.16
CA HIS A 351 6.62 8.40 -1.06
C HIS A 351 8.12 8.49 -0.81
N VAL A 352 8.64 9.71 -0.70
CA VAL A 352 10.03 9.90 -0.35
C VAL A 352 10.14 10.85 0.84
N ARG A 353 10.83 10.39 1.89
CA ARG A 353 11.21 11.24 3.01
C ARG A 353 12.72 11.54 2.98
N ARG A 354 13.05 12.81 2.80
CA ARG A 354 14.45 13.25 2.80
C ARG A 354 14.92 13.53 4.23
N ILE A 355 16.20 13.32 4.49
CA ILE A 355 16.78 13.58 5.80
C ILE A 355 17.82 14.67 5.73
N TRP A 356 17.85 15.54 6.74
CA TRP A 356 18.98 16.43 6.92
C TRP A 356 19.84 16.00 8.12
N ALA A 357 21.15 16.16 7.99
CA ALA A 357 22.08 15.85 9.08
C ALA A 357 21.80 16.70 10.33
#